data_7RBQ
#
_entry.id   7RBQ
#
_cell.length_a   64.044
_cell.length_b   82.061
_cell.length_c   65.767
_cell.angle_alpha   90.000
_cell.angle_beta   97.710
_cell.angle_gamma   90.000
#
_symmetry.space_group_name_H-M   'P 1 21 1'
#
loop_
_entity.id
_entity.type
_entity.pdbx_description
1 polymer 'Protein arginine N-methyltransferase 9'
2 non-polymer 7-[5-S-(4-{[(4-ethylpyridin-3-yl)methyl]amino}butyl)-5-thio-beta-D-ribofuranosyl]-7H-pyrrolo[2,3-d]pyrimidin-4-amine
3 non-polymer 1,2-ETHANEDIOL
4 non-polymer 'UNKNOWN ATOM OR ION'
5 water water
#
_entity_poly.entity_id   1
_entity_poly.type   'polypeptide(L)'
_entity_poly.pdbx_seq_one_letter_code
;AVKLNPDFSDAKENFYRVANWLVERWHFIMLNDTKRNTIYNAAIQKAVCLGSKSVLDIGAGTGILSMFAKKAGAHSVYAC
ELSKTMYELACDVVAANKMEAGIKLLHTKSLDIEIPKHIPERVSLVVTETVDAGLFGEGIVESLIHAWEHLLLQPKTKGE
SANCEKYGKVIPASAVIFGMAVECAEIRRHHRVGIKDIAGIHLPTNVKFQSPAYSSVDTEETIEPYTTEKMSRVPGGYLA
LTECFEIMTVDFNNLQELKSLATKKPDKIGIPVIKEGILDAIMVWFVLQLDDEHSLSTSPSEETCWEQAVYPVQDLADYW
IKPGDHVMMEVSCQDCYLRIQSISVLGLECEMDVAKSFTQNKDLLSLGNEAELCSALANLQTSKPDAVEQTCILESTEIA
LLNNIPYHEGFKMAMSKVLSSLTPEKLYQTMDTHCQNEMSSGTGQSNTVQNILEPFYVLDVSEGFSVLPVIAGTLGQVKP
YSSVEKDQHRIALDLISEANHFPKETLEFWLRHVEDESAMLQRPKSDKLWSIIILDVIEPSGLIQQEIMEKAAISRCLLQ
SGGKIFPQYVLMFGLLVESQTLLEENAVQGTERTLGLNIAPFINQFQVPIRVFLDLSSLPCIPLSKPVELLRLDLMTPYL
NTSNREVKVYVCKSGRLTAIPFWYHMYLDEEIRLDTSSEASHWKQAAVVLDNPIQVEMGEELVLSIQHHKSNVSITVKQ
;
_entity_poly.pdbx_strand_id   A
#
loop_
_chem_comp.id
_chem_comp.type
_chem_comp.name
_chem_comp.formula
44T non-polymer 7-[5-S-(4-{[(4-ethylpyridin-3-yl)methyl]amino}butyl)-5-thio-beta-D-ribofuranosyl]-7H-pyrrolo[2,3-d]pyrimidin-4-amine 'C23 H32 N6 O3 S'
EDO non-polymer 1,2-ETHANEDIOL 'C2 H6 O2'
UNX non-polymer 'UNKNOWN ATOM OR ION' ?
#
# COMPACT_ATOMS: atom_id res chain seq x y z
N LEU A 22 -7.32 5.39 -12.48
CA LEU A 22 -6.72 6.24 -13.56
C LEU A 22 -6.07 7.48 -12.93
N VAL A 23 -6.73 8.11 -11.95
CA VAL A 23 -6.21 9.31 -11.22
C VAL A 23 -5.71 8.87 -9.83
N GLU A 24 -4.41 9.01 -9.60
CA GLU A 24 -3.73 8.68 -8.32
C GLU A 24 -4.46 9.40 -7.17
N ARG A 25 -4.64 8.72 -6.04
CA ARG A 25 -5.50 9.19 -4.92
C ARG A 25 -4.89 10.45 -4.32
N TRP A 26 -3.59 10.63 -4.47
CA TRP A 26 -2.84 11.79 -3.93
C TRP A 26 -3.36 13.10 -4.55
N HIS A 27 -3.74 13.10 -5.82
CA HIS A 27 -4.30 14.30 -6.52
C HIS A 27 -5.53 14.81 -5.76
N PHE A 28 -6.41 13.91 -5.30
CA PHE A 28 -7.65 14.26 -4.54
C PHE A 28 -7.29 14.81 -3.15
N ILE A 29 -6.41 14.12 -2.42
CA ILE A 29 -6.00 14.49 -1.03
C ILE A 29 -5.33 15.87 -1.08
N MET A 30 -4.41 16.07 -2.02
CA MET A 30 -3.57 17.29 -2.07
C MET A 30 -4.44 18.49 -2.49
N LEU A 31 -5.39 18.27 -3.40
CA LEU A 31 -6.33 19.32 -3.89
C LEU A 31 -7.30 19.73 -2.76
N ASN A 32 -7.60 18.81 -1.84
CA ASN A 32 -8.54 19.01 -0.70
C ASN A 32 -7.81 19.64 0.49
N ASP A 33 -6.47 19.66 0.46
CA ASP A 33 -5.63 20.26 1.51
C ASP A 33 -5.52 21.76 1.29
N THR A 34 -6.49 22.51 1.82
CA THR A 34 -6.56 24.00 1.72
C THR A 34 -5.25 24.61 2.20
N LYS A 35 -4.79 24.24 3.40
CA LYS A 35 -3.54 24.76 4.00
C LYS A 35 -2.41 24.70 2.95
N ARG A 36 -2.22 23.56 2.29
CA ARG A 36 -1.09 23.34 1.34
C ARG A 36 -1.27 24.24 0.11
N ASN A 37 -2.49 24.33 -0.41
CA ASN A 37 -2.83 25.18 -1.57
C ASN A 37 -2.48 26.63 -1.23
N THR A 38 -2.87 27.10 -0.04
CA THR A 38 -2.63 28.48 0.46
C THR A 38 -1.13 28.78 0.47
N ILE A 39 -0.33 27.84 0.96
CA ILE A 39 1.13 28.02 1.20
C ILE A 39 1.89 28.05 -0.14
N TYR A 40 1.49 27.19 -1.09
CA TYR A 40 2.07 27.15 -2.47
C TYR A 40 1.65 28.41 -3.23
N ASN A 41 0.39 28.82 -3.10
CA ASN A 41 -0.12 30.07 -3.69
C ASN A 41 0.70 31.26 -3.19
N ALA A 42 0.95 31.34 -1.88
CA ALA A 42 1.65 32.48 -1.22
C ALA A 42 3.10 32.55 -1.72
N ALA A 43 3.75 31.38 -1.89
CA ALA A 43 5.17 31.29 -2.34
C ALA A 43 5.26 31.69 -3.81
N ILE A 44 4.33 31.21 -4.62
CA ILE A 44 4.28 31.49 -6.09
C ILE A 44 3.95 32.98 -6.28
N GLN A 45 3.02 33.51 -5.48
CA GLN A 45 2.64 34.95 -5.43
C GLN A 45 3.89 35.79 -5.17
N LYS A 46 4.56 35.53 -4.05
CA LYS A 46 5.77 36.27 -3.63
C LYS A 46 6.74 36.33 -4.83
N ALA A 47 7.06 35.19 -5.43
CA ALA A 47 8.13 35.06 -6.45
C ALA A 47 7.73 35.80 -7.74
N VAL A 48 6.47 35.69 -8.15
CA VAL A 48 5.93 36.30 -9.40
C VAL A 48 5.99 37.83 -9.27
N CYS A 49 5.56 38.36 -8.13
CA CYS A 49 5.42 39.81 -7.88
C CYS A 49 6.80 40.45 -7.64
N LEU A 50 7.81 39.65 -7.29
CA LEU A 50 9.23 40.07 -7.28
C LEU A 50 9.83 39.93 -8.69
N GLY A 51 9.06 39.39 -9.64
CA GLY A 51 9.28 39.57 -11.08
C GLY A 51 9.65 38.27 -11.79
N SER A 52 9.30 37.12 -11.20
CA SER A 52 9.33 35.81 -11.88
C SER A 52 8.03 35.63 -12.69
N LYS A 53 7.98 36.25 -13.86
CA LYS A 53 6.75 36.39 -14.69
C LYS A 53 6.75 35.30 -15.78
N SER A 54 7.74 34.42 -15.75
CA SER A 54 7.94 33.30 -16.69
C SER A 54 8.17 32.00 -15.90
N VAL A 55 7.18 31.08 -15.88
CA VAL A 55 7.13 29.92 -14.95
C VAL A 55 6.99 28.61 -15.76
N LEU A 56 7.75 27.59 -15.36
CA LEU A 56 7.57 26.18 -15.78
C LEU A 56 7.12 25.35 -14.55
N ASP A 57 5.90 24.80 -14.61
CA ASP A 57 5.31 23.87 -13.61
C ASP A 57 5.63 22.41 -14.05
N ILE A 58 6.51 21.73 -13.31
CA ILE A 58 6.91 20.33 -13.60
C ILE A 58 6.03 19.41 -12.75
N GLY A 59 5.30 18.50 -13.40
CA GLY A 59 4.35 17.57 -12.74
C GLY A 59 3.07 18.27 -12.33
N ALA A 60 2.38 18.89 -13.29
CA ALA A 60 1.34 19.92 -13.08
C ALA A 60 0.05 19.30 -12.53
N GLY A 61 -0.15 17.99 -12.77
CA GLY A 61 -1.41 17.30 -12.43
C GLY A 61 -2.60 17.98 -13.09
N THR A 62 -3.48 18.59 -12.30
CA THR A 62 -4.70 19.31 -12.77
C THR A 62 -4.36 20.75 -13.16
N GLY A 63 -3.14 21.20 -12.86
CA GLY A 63 -2.60 22.51 -13.31
C GLY A 63 -2.85 23.64 -12.29
N ILE A 64 -3.14 23.31 -11.04
CA ILE A 64 -3.56 24.29 -10.00
C ILE A 64 -2.42 25.28 -9.72
N LEU A 65 -1.17 24.82 -9.69
CA LEU A 65 0.01 25.68 -9.40
C LEU A 65 0.27 26.62 -10.58
N SER A 66 0.06 26.15 -11.80
CA SER A 66 0.17 26.96 -13.05
C SER A 66 -0.90 28.07 -13.04
N MET A 67 -2.10 27.77 -12.55
CA MET A 67 -3.24 28.73 -12.48
C MET A 67 -2.99 29.74 -11.35
N PHE A 68 -2.30 29.32 -10.29
CA PHE A 68 -1.83 30.22 -9.19
C PHE A 68 -0.85 31.23 -9.79
N ALA A 69 0.11 30.73 -10.57
CA ALA A 69 1.20 31.51 -11.18
C ALA A 69 0.60 32.60 -12.09
N LYS A 70 -0.30 32.20 -12.99
CA LYS A 70 -0.94 33.12 -13.98
C LYS A 70 -1.74 34.19 -13.25
N LYS A 71 -2.61 33.77 -12.31
CA LYS A 71 -3.50 34.67 -11.54
C LYS A 71 -2.67 35.62 -10.67
N ALA A 72 -1.43 35.23 -10.34
CA ALA A 72 -0.45 36.04 -9.58
C ALA A 72 0.19 37.08 -10.50
N GLY A 73 0.06 36.91 -11.82
CA GLY A 73 0.40 37.92 -12.84
C GLY A 73 1.57 37.50 -13.71
N ALA A 74 1.99 36.23 -13.64
CA ALA A 74 2.99 35.65 -14.56
C ALA A 74 2.51 35.88 -16.00
N HIS A 75 3.44 36.18 -16.91
CA HIS A 75 3.14 36.54 -18.31
C HIS A 75 2.98 35.28 -19.14
N SER A 76 3.93 34.36 -19.04
CA SER A 76 3.89 33.04 -19.69
C SER A 76 4.04 31.93 -18.63
N VAL A 77 3.15 30.94 -18.66
CA VAL A 77 3.17 29.75 -17.76
C VAL A 77 3.20 28.50 -18.65
N TYR A 78 4.16 27.61 -18.42
CA TYR A 78 4.32 26.30 -19.10
C TYR A 78 4.19 25.19 -18.06
N ALA A 79 3.29 24.24 -18.33
CA ALA A 79 2.89 23.16 -17.40
C ALA A 79 3.09 21.82 -18.09
N CYS A 80 4.04 21.02 -17.62
CA CYS A 80 4.33 19.69 -18.17
C CYS A 80 3.79 18.62 -17.23
N GLU A 81 3.25 17.55 -17.81
CA GLU A 81 2.61 16.43 -17.11
C GLU A 81 2.84 15.17 -17.92
N LEU A 82 3.28 14.13 -17.25
CA LEU A 82 3.76 12.84 -17.82
C LEU A 82 2.54 11.98 -18.20
N SER A 83 1.51 11.95 -17.34
CA SER A 83 0.27 11.15 -17.51
C SER A 83 -0.64 11.79 -18.57
N LYS A 84 -1.03 11.02 -19.59
CA LYS A 84 -2.02 11.44 -20.63
C LYS A 84 -3.30 11.90 -19.93
N THR A 85 -3.77 11.12 -18.95
CA THR A 85 -5.04 11.36 -18.20
C THR A 85 -4.96 12.71 -17.50
N MET A 86 -3.84 13.00 -16.83
CA MET A 86 -3.68 14.21 -15.99
C MET A 86 -3.57 15.44 -16.91
N TYR A 87 -2.86 15.31 -18.04
CA TYR A 87 -2.63 16.39 -19.03
C TYR A 87 -3.97 16.82 -19.64
N GLU A 88 -4.79 15.84 -20.05
CA GLU A 88 -6.13 16.06 -20.65
C GLU A 88 -7.05 16.70 -19.61
N LEU A 89 -6.96 16.25 -18.36
CA LEU A 89 -7.70 16.82 -17.22
C LEU A 89 -7.28 18.28 -17.01
N ALA A 90 -5.98 18.57 -17.10
CA ALA A 90 -5.40 19.92 -16.86
C ALA A 90 -5.87 20.88 -17.98
N CYS A 91 -5.85 20.42 -19.23
CA CYS A 91 -6.44 21.13 -20.40
C CYS A 91 -7.87 21.54 -20.08
N ASP A 92 -8.67 20.61 -19.57
CA ASP A 92 -10.12 20.84 -19.31
C ASP A 92 -10.27 21.86 -18.17
N VAL A 93 -9.43 21.77 -17.14
CA VAL A 93 -9.54 22.58 -15.89
C VAL A 93 -9.08 24.00 -16.17
N VAL A 94 -7.97 24.14 -16.90
CA VAL A 94 -7.37 25.45 -17.29
C VAL A 94 -8.39 26.21 -18.14
N ALA A 95 -8.99 25.55 -19.14
CA ALA A 95 -10.03 26.11 -20.03
C ALA A 95 -11.21 26.57 -19.20
N ALA A 96 -11.73 25.70 -18.32
CA ALA A 96 -12.91 25.94 -17.47
C ALA A 96 -12.69 27.20 -16.64
N ASN A 97 -11.44 27.46 -16.23
CA ASN A 97 -11.06 28.65 -15.41
C ASN A 97 -10.56 29.79 -16.33
N LYS A 98 -10.83 29.67 -17.63
CA LYS A 98 -10.64 30.77 -18.63
C LYS A 98 -9.17 31.23 -18.60
N MET A 99 -8.22 30.29 -18.70
CA MET A 99 -6.75 30.57 -18.70
C MET A 99 -6.08 29.79 -19.84
N GLU A 100 -6.84 29.35 -20.86
CA GLU A 100 -6.36 28.55 -22.02
C GLU A 100 -5.16 29.24 -22.66
N ALA A 101 -5.26 30.56 -22.86
CA ALA A 101 -4.35 31.37 -23.70
C ALA A 101 -2.99 31.53 -22.99
N GLY A 102 -3.03 31.84 -21.69
CA GLY A 102 -1.84 32.21 -20.89
C GLY A 102 -1.03 31.00 -20.44
N ILE A 103 -1.62 29.80 -20.43
CA ILE A 103 -0.98 28.55 -19.89
C ILE A 103 -0.85 27.51 -21.01
N LYS A 104 0.38 27.14 -21.37
CA LYS A 104 0.68 26.06 -22.35
C LYS A 104 0.95 24.75 -21.59
N LEU A 105 0.00 23.81 -21.66
CA LEU A 105 0.13 22.43 -21.15
C LEU A 105 0.92 21.59 -22.14
N LEU A 106 1.89 20.81 -21.65
CA LEU A 106 2.77 19.93 -22.46
C LEU A 106 2.68 18.50 -21.93
N HIS A 107 2.17 17.58 -22.76
CA HIS A 107 2.18 16.12 -22.50
C HIS A 107 3.58 15.58 -22.70
N THR A 108 4.42 15.67 -21.67
CA THR A 108 5.87 15.36 -21.76
C THR A 108 6.43 15.15 -20.34
N LYS A 109 7.33 14.17 -20.19
CA LYS A 109 8.35 14.14 -19.13
C LYS A 109 9.20 15.40 -19.25
N SER A 110 9.52 16.06 -18.14
CA SER A 110 10.25 17.36 -18.11
C SER A 110 11.57 17.23 -18.89
N LEU A 111 12.23 16.05 -18.80
CA LEU A 111 13.55 15.75 -19.45
C LEU A 111 13.47 15.98 -20.96
N ASP A 112 12.28 15.88 -21.55
CA ASP A 112 12.09 15.90 -23.02
C ASP A 112 11.62 17.28 -23.48
N ILE A 113 11.64 18.28 -22.58
CA ILE A 113 11.36 19.70 -22.91
C ILE A 113 12.61 20.30 -23.56
N GLU A 114 12.47 20.82 -24.78
CA GLU A 114 13.52 21.52 -25.54
C GLU A 114 13.08 22.97 -25.75
N ILE A 115 14.03 23.90 -25.68
CA ILE A 115 13.89 25.29 -26.17
C ILE A 115 14.59 25.36 -27.53
N PRO A 116 13.94 25.91 -28.59
CA PRO A 116 12.65 26.59 -28.48
C PRO A 116 11.42 25.76 -28.92
N LYS A 117 11.60 24.46 -29.15
CA LYS A 117 10.59 23.55 -29.75
C LYS A 117 9.32 23.52 -28.87
N HIS A 118 9.48 23.31 -27.55
CA HIS A 118 8.38 23.18 -26.58
C HIS A 118 8.15 24.51 -25.85
N ILE A 119 9.24 25.12 -25.37
CA ILE A 119 9.24 26.42 -24.63
C ILE A 119 10.07 27.39 -25.44
N PRO A 120 9.59 28.64 -25.65
CA PRO A 120 10.31 29.61 -26.48
C PRO A 120 11.68 30.02 -25.88
N GLU A 121 11.68 30.41 -24.60
CA GLU A 121 12.85 31.00 -23.90
C GLU A 121 13.10 30.22 -22.60
N ARG A 122 14.30 30.32 -22.03
CA ARG A 122 14.61 29.91 -20.64
C ARG A 122 13.71 30.70 -19.70
N VAL A 123 13.26 30.07 -18.61
CA VAL A 123 12.23 30.62 -17.69
C VAL A 123 12.93 31.12 -16.42
N SER A 124 12.26 32.01 -15.66
CA SER A 124 12.79 32.62 -14.42
C SER A 124 12.43 31.74 -13.20
N LEU A 125 11.34 30.96 -13.28
CA LEU A 125 10.83 30.16 -12.14
C LEU A 125 10.46 28.75 -12.61
N VAL A 126 10.95 27.75 -11.89
CA VAL A 126 10.42 26.35 -11.93
C VAL A 126 9.71 26.05 -10.62
N VAL A 127 8.43 25.68 -10.70
CA VAL A 127 7.65 25.08 -9.58
C VAL A 127 7.46 23.59 -9.90
N THR A 128 7.73 22.73 -8.93
CA THR A 128 7.67 21.25 -9.08
C THR A 128 6.97 20.63 -7.86
N GLU A 129 6.07 19.69 -8.11
CA GLU A 129 5.48 18.81 -7.06
C GLU A 129 5.68 17.36 -7.47
N THR A 130 6.80 17.07 -8.12
CA THR A 130 7.27 15.69 -8.38
C THR A 130 8.03 15.21 -7.14
N VAL A 131 7.29 14.97 -6.06
CA VAL A 131 7.82 14.70 -4.70
C VAL A 131 7.02 13.54 -4.08
N ASP A 132 7.71 12.52 -3.57
CA ASP A 132 7.08 11.37 -2.83
C ASP A 132 7.48 11.44 -1.36
N ALA A 133 7.05 10.45 -0.58
CA ALA A 133 7.22 10.41 0.88
C ALA A 133 8.72 10.36 1.20
N GLY A 134 9.51 9.74 0.31
CA GLY A 134 11.00 9.67 0.38
C GLY A 134 11.65 10.83 -0.34
N LEU A 135 10.86 11.86 -0.70
CA LEU A 135 11.27 13.14 -1.35
C LEU A 135 11.70 12.87 -2.81
N PHE A 136 12.68 11.98 -3.01
CA PHE A 136 13.45 11.86 -4.27
C PHE A 136 12.78 10.90 -5.26
N GLY A 137 11.76 10.14 -4.82
CA GLY A 137 11.27 8.92 -5.51
C GLY A 137 10.51 9.23 -6.80
N GLU A 138 10.35 10.50 -7.14
CA GLU A 138 9.60 10.97 -8.31
C GLU A 138 10.55 11.66 -9.29
N GLY A 139 11.87 11.54 -9.05
CA GLY A 139 12.93 11.88 -10.02
C GLY A 139 13.29 13.36 -10.01
N ILE A 140 12.91 14.10 -8.95
CA ILE A 140 13.08 15.58 -8.86
C ILE A 140 14.53 15.97 -9.19
N VAL A 141 15.51 15.23 -8.65
CA VAL A 141 16.96 15.58 -8.79
C VAL A 141 17.29 15.58 -10.28
N GLU A 142 16.87 14.53 -10.99
CA GLU A 142 17.09 14.35 -12.45
C GLU A 142 16.44 15.53 -13.19
N SER A 143 15.19 15.85 -12.85
CA SER A 143 14.37 16.91 -13.51
C SER A 143 15.05 18.27 -13.34
N LEU A 144 15.51 18.58 -12.13
CA LEU A 144 16.02 19.94 -11.78
C LEU A 144 17.41 20.12 -12.39
N ILE A 145 18.23 19.08 -12.45
CA ILE A 145 19.55 19.07 -13.15
C ILE A 145 19.29 19.46 -14.62
N HIS A 146 18.40 18.75 -15.30
CA HIS A 146 17.93 19.07 -16.67
C HIS A 146 17.40 20.51 -16.71
N ALA A 147 16.50 20.88 -15.81
CA ALA A 147 15.83 22.20 -15.77
C ALA A 147 16.90 23.30 -15.73
N TRP A 148 17.86 23.17 -14.81
CA TRP A 148 18.96 24.14 -14.62
C TRP A 148 19.81 24.25 -15.89
N GLU A 149 20.02 23.13 -16.58
CA GLU A 149 21.00 23.00 -17.68
C GLU A 149 20.39 23.54 -18.98
N HIS A 150 19.08 23.44 -19.17
CA HIS A 150 18.40 23.67 -20.47
C HIS A 150 17.28 24.69 -20.36
N LEU A 151 16.57 24.73 -19.22
CA LEU A 151 15.20 25.31 -19.15
C LEU A 151 15.18 26.61 -18.33
N LEU A 152 16.05 26.74 -17.33
CA LEU A 152 16.08 27.91 -16.39
C LEU A 152 17.11 28.93 -16.87
N LEU A 153 16.86 30.21 -16.59
CA LEU A 153 17.88 31.27 -16.59
C LEU A 153 18.97 30.93 -15.57
N GLN A 154 20.16 31.51 -15.73
CA GLN A 154 21.30 31.35 -14.80
C GLN A 154 20.82 31.70 -13.39
N PRO A 155 21.38 31.06 -12.34
CA PRO A 155 21.09 31.45 -10.96
C PRO A 155 21.74 32.80 -10.60
N LYS A 156 21.37 33.36 -9.45
CA LYS A 156 21.83 34.69 -8.97
C LYS A 156 23.35 34.66 -8.72
N THR A 157 24.04 35.73 -9.06
CA THR A 157 25.52 35.88 -8.94
C THR A 157 25.84 37.11 -8.07
N ASN A 163 15.70 42.28 -11.04
CA ASN A 163 16.69 41.21 -10.76
C ASN A 163 16.05 39.83 -11.05
N CYS A 164 14.98 39.48 -10.34
CA CYS A 164 14.34 38.12 -10.32
C CYS A 164 13.92 37.70 -11.74
N GLU A 165 13.55 38.66 -12.60
CA GLU A 165 13.13 38.42 -14.02
C GLU A 165 14.35 37.96 -14.83
N LYS A 166 15.55 38.14 -14.28
CA LYS A 166 16.83 38.01 -15.02
C LYS A 166 17.62 36.75 -14.58
N TYR A 167 17.19 36.06 -13.51
CA TYR A 167 17.87 34.83 -13.02
C TYR A 167 16.85 33.72 -12.68
N GLY A 168 17.29 32.47 -12.83
CA GLY A 168 16.50 31.26 -12.54
C GLY A 168 16.45 30.97 -11.06
N LYS A 169 15.30 30.50 -10.57
CA LYS A 169 15.11 29.97 -9.20
C LYS A 169 14.09 28.84 -9.24
N VAL A 170 14.12 27.96 -8.25
CA VAL A 170 13.24 26.77 -8.11
C VAL A 170 12.45 26.89 -6.80
N ILE A 171 11.14 26.63 -6.88
CA ILE A 171 10.28 26.26 -5.72
C ILE A 171 9.90 24.80 -5.88
N PRO A 172 10.19 23.91 -4.89
CA PRO A 172 10.77 24.32 -3.61
C PRO A 172 12.27 24.65 -3.72
N ALA A 173 12.76 25.51 -2.83
CA ALA A 173 14.16 26.00 -2.79
C ALA A 173 15.07 24.88 -2.31
N SER A 174 14.68 24.20 -1.25
CA SER A 174 15.51 23.23 -0.50
C SER A 174 14.65 22.38 0.42
N ALA A 175 15.26 21.36 1.02
CA ALA A 175 14.61 20.41 1.92
C ALA A 175 15.63 19.89 2.93
N VAL A 176 15.18 19.65 4.16
CA VAL A 176 15.93 18.87 5.19
C VAL A 176 15.21 17.52 5.36
N ILE A 177 15.97 16.42 5.28
CA ILE A 177 15.44 15.05 5.46
C ILE A 177 15.80 14.54 6.86
N PHE A 178 14.78 14.07 7.58
CA PHE A 178 14.86 13.62 8.99
C PHE A 178 14.60 12.10 9.05
N GLY A 179 15.20 11.46 10.06
CA GLY A 179 15.05 10.03 10.34
C GLY A 179 14.80 9.76 11.81
N MET A 180 14.21 8.61 12.11
CA MET A 180 13.93 8.14 13.49
C MET A 180 13.79 6.61 13.46
N ALA A 181 14.59 5.93 14.27
CA ALA A 181 14.44 4.50 14.61
C ALA A 181 13.16 4.34 15.42
N VAL A 182 12.31 3.40 15.02
CA VAL A 182 10.98 3.18 15.66
C VAL A 182 10.80 1.69 15.93
N GLU A 183 10.02 1.39 16.96
CA GLU A 183 9.34 0.11 17.15
C GLU A 183 7.93 0.23 16.57
N CYS A 184 7.55 -0.74 15.76
CA CYS A 184 6.24 -0.77 15.08
C CYS A 184 5.97 -2.18 14.61
N ALA A 185 5.20 -2.93 15.39
CA ALA A 185 4.91 -4.37 15.16
C ALA A 185 4.18 -4.53 13.83
N GLU A 186 3.41 -3.52 13.42
CA GLU A 186 2.63 -3.54 12.17
C GLU A 186 3.58 -3.58 10.99
N ILE A 187 4.69 -2.83 11.05
CA ILE A 187 5.77 -2.87 10.03
C ILE A 187 6.52 -4.20 10.18
N ARG A 188 6.90 -4.57 11.41
CA ARG A 188 7.64 -5.82 11.71
C ARG A 188 6.97 -7.01 11.04
N ARG A 189 5.64 -7.10 11.12
CA ARG A 189 4.90 -8.35 10.75
C ARG A 189 4.86 -8.49 9.22
N HIS A 190 5.26 -7.45 8.49
CA HIS A 190 5.28 -7.41 7.01
C HIS A 190 6.69 -7.68 6.46
N HIS A 191 7.71 -7.78 7.30
CA HIS A 191 9.13 -7.74 6.85
C HIS A 191 9.98 -8.81 7.54
N ARG A 192 9.59 -9.25 8.74
CA ARG A 192 10.31 -10.29 9.52
C ARG A 192 9.32 -11.36 9.98
N VAL A 193 9.69 -12.63 9.85
CA VAL A 193 8.94 -13.79 10.41
C VAL A 193 9.31 -13.90 11.90
N GLY A 194 8.32 -13.76 12.79
CA GLY A 194 8.55 -13.49 14.24
C GLY A 194 8.56 -14.78 15.08
N ILE A 195 8.25 -15.92 14.48
CA ILE A 195 7.96 -17.22 15.20
C ILE A 195 8.86 -18.32 14.64
N LYS A 196 9.19 -19.31 15.46
CA LYS A 196 9.99 -20.50 15.07
C LYS A 196 9.04 -21.71 14.87
N ASP A 197 7.75 -21.56 15.22
CA ASP A 197 6.77 -22.67 15.31
C ASP A 197 5.37 -22.15 15.00
N ILE A 198 4.74 -22.70 13.96
CA ILE A 198 3.36 -22.35 13.50
C ILE A 198 2.52 -23.62 13.49
N ALA A 199 1.48 -23.67 14.31
CA ALA A 199 0.48 -24.77 14.33
C ALA A 199 1.21 -26.12 14.20
N GLY A 200 2.25 -26.32 15.02
CA GLY A 200 2.90 -27.61 15.24
C GLY A 200 3.89 -27.98 14.14
N ILE A 201 4.31 -27.03 13.29
CA ILE A 201 5.49 -27.19 12.37
C ILE A 201 6.62 -26.27 12.83
N HIS A 202 7.86 -26.73 12.71
CA HIS A 202 9.09 -25.99 13.06
C HIS A 202 9.60 -25.26 11.80
N LEU A 203 9.84 -23.95 11.90
CA LEU A 203 10.60 -23.18 10.88
C LEU A 203 12.07 -23.26 11.23
N PRO A 204 12.89 -23.94 10.41
CA PRO A 204 14.27 -24.22 10.78
C PRO A 204 15.13 -22.95 10.67
N THR A 205 16.13 -22.84 11.55
CA THR A 205 17.14 -21.74 11.58
C THR A 205 17.74 -21.54 10.18
N ASN A 206 17.97 -22.62 9.44
CA ASN A 206 18.77 -22.65 8.18
C ASN A 206 17.94 -22.07 7.00
N VAL A 207 16.72 -21.57 7.26
CA VAL A 207 15.90 -20.81 6.26
C VAL A 207 15.68 -19.38 6.79
N LYS A 208 16.35 -18.39 6.17
CA LYS A 208 16.17 -16.95 6.49
C LYS A 208 15.15 -16.37 5.50
N PHE A 209 14.03 -15.87 6.00
CA PHE A 209 13.01 -15.15 5.21
C PHE A 209 13.36 -13.67 5.20
N GLN A 210 13.41 -13.07 4.02
CA GLN A 210 13.63 -11.62 3.82
C GLN A 210 12.49 -11.06 2.96
N SER A 211 11.99 -9.88 3.32
CA SER A 211 11.07 -9.08 2.48
C SER A 211 11.83 -8.53 1.29
N PRO A 212 11.15 -7.90 0.31
CA PRO A 212 11.82 -7.24 -0.81
C PRO A 212 12.46 -5.88 -0.47
N ALA A 213 12.33 -5.42 0.78
CA ALA A 213 12.88 -4.12 1.27
C ALA A 213 14.30 -4.32 1.86
N TYR A 214 14.93 -5.47 1.59
CA TYR A 214 16.16 -5.95 2.29
C TYR A 214 17.39 -5.34 1.63
N GLU A 224 12.20 -2.00 -4.09
CA GLU A 224 11.48 -1.53 -2.87
C GLU A 224 12.50 -0.96 -1.88
N PRO A 225 13.12 0.20 -2.19
CA PRO A 225 14.11 0.80 -1.29
C PRO A 225 13.48 1.23 0.04
N TYR A 226 12.18 1.52 0.03
CA TYR A 226 11.35 1.84 1.23
C TYR A 226 9.88 1.59 0.90
N THR A 227 9.05 1.45 1.93
CA THR A 227 7.57 1.50 1.83
C THR A 227 7.13 2.87 2.31
N THR A 228 5.87 3.22 2.08
CA THR A 228 5.24 4.47 2.55
C THR A 228 4.07 4.10 3.44
N GLU A 229 3.79 4.94 4.43
CA GLU A 229 2.93 4.60 5.58
C GLU A 229 2.45 5.90 6.21
N LYS A 230 1.16 6.02 6.44
CA LYS A 230 0.59 7.07 7.29
C LYS A 230 0.87 6.69 8.75
N MET A 231 2.07 7.01 9.22
CA MET A 231 2.63 6.52 10.52
C MET A 231 1.84 7.14 11.70
N SER A 232 1.15 8.26 11.47
CA SER A 232 0.34 8.97 12.49
C SER A 232 -0.87 8.13 12.89
N ARG A 233 -1.21 7.09 12.11
CA ARG A 233 -2.33 6.16 12.44
C ARG A 233 -2.05 4.73 11.95
N VAL A 234 -0.79 4.28 11.96
CA VAL A 234 -0.44 2.85 11.73
C VAL A 234 -1.07 2.02 12.84
N PRO A 235 -1.76 0.90 12.50
CA PRO A 235 -2.39 0.04 13.51
C PRO A 235 -1.41 -0.36 14.62
N GLY A 236 -1.77 -0.11 15.87
CA GLY A 236 -0.97 -0.44 17.06
C GLY A 236 0.08 0.61 17.36
N GLY A 237 0.21 1.62 16.49
CA GLY A 237 1.10 2.78 16.71
C GLY A 237 2.56 2.40 16.57
N TYR A 238 3.44 3.35 16.85
CA TYR A 238 4.91 3.17 16.83
C TYR A 238 5.51 3.85 18.07
N LEU A 239 6.75 3.48 18.39
N LEU A 239 6.75 3.49 18.39
CA LEU A 239 7.53 4.03 19.53
CA LEU A 239 7.52 4.04 19.54
C LEU A 239 8.86 4.55 19.01
C LEU A 239 8.87 4.54 19.03
N ALA A 240 9.20 5.79 19.33
CA ALA A 240 10.49 6.42 19.01
C ALA A 240 11.57 5.80 19.89
N LEU A 241 12.59 5.18 19.29
CA LEU A 241 13.73 4.57 20.02
C LEU A 241 14.92 5.53 20.01
N THR A 242 14.96 6.45 19.04
CA THR A 242 15.98 7.54 18.95
C THR A 242 15.27 8.90 18.95
N GLU A 243 16.00 9.97 19.25
CA GLU A 243 15.62 11.34 18.87
C GLU A 243 15.55 11.42 17.34
N CYS A 244 14.84 12.43 16.82
N CYS A 244 14.83 12.44 16.82
CA CYS A 244 14.91 12.85 15.41
CA CYS A 244 14.91 12.89 15.41
C CYS A 244 16.35 13.21 15.08
C CYS A 244 16.36 13.22 15.07
N PHE A 245 16.88 12.70 13.95
CA PHE A 245 18.24 12.99 13.45
C PHE A 245 18.16 13.37 11.99
N GLU A 246 18.96 14.35 11.60
CA GLU A 246 19.03 14.89 10.25
C GLU A 246 19.80 13.91 9.37
N ILE A 247 19.21 13.52 8.25
CA ILE A 247 19.77 12.50 7.33
C ILE A 247 20.59 13.21 6.26
N MET A 248 19.98 14.16 5.55
CA MET A 248 20.69 15.03 4.57
C MET A 248 19.89 16.30 4.34
N THR A 249 20.55 17.32 3.80
CA THR A 249 19.93 18.54 3.25
C THR A 249 20.13 18.52 1.73
N VAL A 250 19.30 19.23 1.00
CA VAL A 250 19.43 19.37 -0.47
C VAL A 250 18.98 20.78 -0.83
N ASP A 251 19.83 21.48 -1.60
CA ASP A 251 19.53 22.81 -2.16
C ASP A 251 19.16 22.63 -3.63
N PHE A 252 17.88 22.78 -3.95
CA PHE A 252 17.33 22.57 -5.31
C PHE A 252 17.72 23.73 -6.23
N ASN A 253 18.37 24.78 -5.68
CA ASN A 253 18.83 26.00 -6.42
C ASN A 253 20.34 25.93 -6.67
N ASN A 254 20.98 24.80 -6.35
CA ASN A 254 22.45 24.60 -6.48
C ASN A 254 22.70 23.40 -7.39
N LEU A 255 23.08 23.65 -8.64
CA LEU A 255 23.18 22.62 -9.71
C LEU A 255 24.36 21.69 -9.40
N GLN A 256 25.51 22.26 -9.03
CA GLN A 256 26.73 21.49 -8.67
C GLN A 256 26.35 20.45 -7.61
N GLU A 257 25.63 20.87 -6.56
CA GLU A 257 25.21 19.99 -5.44
C GLU A 257 24.37 18.82 -5.98
N LEU A 258 23.35 19.11 -6.78
CA LEU A 258 22.43 18.08 -7.35
C LEU A 258 23.24 17.12 -8.24
N LYS A 259 24.18 17.66 -9.01
CA LYS A 259 25.06 16.87 -9.94
C LYS A 259 25.94 15.92 -9.11
N SER A 260 26.28 16.30 -7.88
CA SER A 260 27.26 15.61 -6.99
C SER A 260 26.62 14.37 -6.34
N LEU A 261 25.31 14.38 -6.11
CA LEU A 261 24.61 13.30 -5.37
C LEU A 261 24.99 11.95 -5.98
N ALA A 262 25.15 11.90 -7.31
CA ALA A 262 25.28 10.67 -8.11
C ALA A 262 26.52 9.88 -7.69
N THR A 263 27.60 10.57 -7.26
CA THR A 263 28.95 9.99 -7.01
C THR A 263 29.41 10.28 -5.57
N LYS A 264 28.58 10.93 -4.76
CA LYS A 264 28.91 11.33 -3.36
C LYS A 264 28.99 10.06 -2.49
N LYS A 265 30.05 9.93 -1.68
CA LYS A 265 30.29 8.78 -0.77
C LYS A 265 29.17 8.71 0.25
N PRO A 266 28.54 7.53 0.46
CA PRO A 266 27.52 7.37 1.49
C PRO A 266 27.96 7.97 2.83
N ASP A 267 27.06 8.72 3.48
CA ASP A 267 27.23 9.19 4.90
C ASP A 267 27.03 7.99 5.84
N LYS A 268 28.11 7.55 6.50
CA LYS A 268 28.08 6.55 7.61
C LYS A 268 27.74 7.29 8.92
N ILE A 269 26.62 6.95 9.55
CA ILE A 269 26.11 7.66 10.76
C ILE A 269 25.76 6.65 11.86
N GLY A 270 25.60 7.15 13.07
CA GLY A 270 25.43 6.34 14.29
C GLY A 270 24.62 7.11 15.30
N ILE A 271 23.41 6.66 15.57
CA ILE A 271 22.35 7.46 16.26
C ILE A 271 22.12 6.89 17.65
N PRO A 272 22.27 7.71 18.71
CA PRO A 272 22.07 7.25 20.09
C PRO A 272 20.64 6.77 20.36
N VAL A 273 20.51 5.63 21.05
CA VAL A 273 19.22 5.03 21.51
C VAL A 273 18.83 5.65 22.87
N ILE A 274 17.57 6.08 23.00
CA ILE A 274 17.07 6.85 24.17
C ILE A 274 15.97 6.04 24.88
N LYS A 275 15.56 4.90 24.30
CA LYS A 275 14.43 4.07 24.79
C LYS A 275 14.68 2.60 24.44
N GLU A 276 14.40 1.69 25.38
CA GLU A 276 14.30 0.23 25.11
C GLU A 276 13.19 0.01 24.10
N GLY A 277 13.40 -0.90 23.15
CA GLY A 277 12.36 -1.41 22.25
C GLY A 277 12.93 -2.26 21.15
N ILE A 278 12.06 -2.82 20.32
CA ILE A 278 12.43 -3.67 19.16
C ILE A 278 12.61 -2.78 17.94
N LEU A 279 13.80 -2.79 17.33
CA LEU A 279 14.13 -1.99 16.13
C LEU A 279 13.41 -2.57 14.92
N ASP A 280 12.39 -1.90 14.45
CA ASP A 280 11.50 -2.40 13.38
C ASP A 280 11.78 -1.62 12.08
N ALA A 281 12.07 -0.33 12.17
CA ALA A 281 12.17 0.56 10.99
C ALA A 281 12.93 1.85 11.32
N ILE A 282 13.53 2.44 10.29
CA ILE A 282 13.83 3.90 10.23
C ILE A 282 12.66 4.59 9.53
N MET A 283 11.99 5.47 10.25
CA MET A 283 10.94 6.35 9.72
C MET A 283 11.60 7.61 9.18
N VAL A 284 11.21 8.03 7.98
CA VAL A 284 11.82 9.17 7.25
C VAL A 284 10.72 10.14 6.82
N TRP A 285 10.96 11.41 7.05
CA TRP A 285 10.15 12.54 6.53
C TRP A 285 11.09 13.70 6.19
N PHE A 286 10.55 14.86 5.87
CA PHE A 286 11.33 16.00 5.37
C PHE A 286 10.53 17.28 5.53
N VAL A 287 11.24 18.39 5.59
CA VAL A 287 10.70 19.77 5.52
C VAL A 287 11.13 20.39 4.18
N LEU A 288 10.16 20.76 3.33
CA LEU A 288 10.37 21.62 2.12
C LEU A 288 10.36 23.09 2.53
N GLN A 289 11.47 23.80 2.31
CA GLN A 289 11.48 25.28 2.26
C GLN A 289 11.07 25.72 0.84
N LEU A 290 9.82 26.19 0.69
CA LEU A 290 9.31 26.73 -0.61
C LEU A 290 10.00 28.06 -0.88
N ASP A 291 10.12 28.90 0.16
CA ASP A 291 10.96 30.11 0.23
C ASP A 291 11.25 30.43 1.71
N ASP A 292 11.94 31.54 1.99
CA ASP A 292 12.40 31.94 3.35
C ASP A 292 11.26 31.78 4.36
N GLU A 293 10.01 32.08 3.96
CA GLU A 293 8.86 32.33 4.89
C GLU A 293 7.84 31.19 4.81
N HIS A 294 7.99 30.24 3.89
CA HIS A 294 6.99 29.17 3.62
C HIS A 294 7.69 27.81 3.55
N SER A 295 7.23 26.87 4.39
CA SER A 295 7.75 25.49 4.49
C SER A 295 6.60 24.50 4.59
N LEU A 296 6.85 23.26 4.19
CA LEU A 296 5.94 22.09 4.32
C LEU A 296 6.67 20.99 5.09
N SER A 297 6.05 20.45 6.14
CA SER A 297 6.57 19.28 6.90
C SER A 297 5.71 18.05 6.60
N THR A 298 6.35 16.93 6.22
CA THR A 298 5.73 15.58 6.16
C THR A 298 6.05 14.80 7.45
N SER A 299 6.36 15.52 8.53
CA SER A 299 6.41 14.99 9.91
C SER A 299 5.09 14.30 10.24
N PRO A 300 5.11 13.08 10.80
CA PRO A 300 3.88 12.33 11.02
C PRO A 300 2.93 13.10 11.95
N SER A 301 1.67 13.25 11.55
CA SER A 301 0.61 13.97 12.31
C SER A 301 -0.78 13.65 11.75
N GLU A 302 -1.77 13.48 12.62
CA GLU A 302 -3.19 13.30 12.25
C GLU A 302 -3.74 14.61 11.67
N GLU A 303 -3.00 15.72 11.82
CA GLU A 303 -3.45 17.06 11.34
C GLU A 303 -3.11 17.24 9.85
N THR A 304 -2.17 16.43 9.32
CA THR A 304 -1.69 16.53 7.91
C THR A 304 -1.97 15.21 7.17
N CYS A 305 -1.94 15.26 5.84
CA CYS A 305 -2.30 14.15 4.93
C CYS A 305 -1.05 13.33 4.59
N TRP A 306 0.14 13.86 4.92
CA TRP A 306 1.44 13.38 4.38
C TRP A 306 1.78 12.02 4.96
N GLU A 307 2.34 11.15 4.12
CA GLU A 307 2.90 9.85 4.55
C GLU A 307 4.40 9.99 4.77
N GLN A 308 4.98 9.02 5.47
CA GLN A 308 6.41 8.91 5.74
C GLN A 308 6.99 7.76 4.91
N ALA A 309 8.26 7.87 4.53
CA ALA A 309 9.05 6.75 3.99
C ALA A 309 9.49 5.88 5.16
N VAL A 310 9.42 4.57 4.99
CA VAL A 310 9.69 3.56 6.05
C VAL A 310 10.74 2.59 5.52
N TYR A 311 11.85 2.48 6.23
CA TYR A 311 12.95 1.54 5.88
C TYR A 311 12.93 0.40 6.87
N PRO A 312 12.35 -0.77 6.53
CA PRO A 312 12.25 -1.88 7.47
C PRO A 312 13.64 -2.36 7.84
N VAL A 313 13.81 -2.82 9.07
CA VAL A 313 15.08 -3.44 9.55
C VAL A 313 14.93 -4.96 9.53
N GLN A 314 15.89 -5.66 8.93
CA GLN A 314 15.93 -7.15 8.91
C GLN A 314 17.38 -7.64 8.73
N ASP A 315 17.57 -8.96 8.80
CA ASP A 315 18.88 -9.63 8.58
C ASP A 315 19.87 -9.16 9.66
N LEU A 316 19.39 -9.00 10.90
CA LEU A 316 20.20 -8.91 12.14
C LEU A 316 19.97 -10.17 12.98
N ALA A 317 20.90 -10.47 13.88
CA ALA A 317 20.80 -11.57 14.87
C ALA A 317 19.83 -11.16 15.99
N ASP A 318 19.82 -9.88 16.35
CA ASP A 318 19.04 -9.30 17.47
C ASP A 318 18.50 -7.93 17.02
N TYR A 319 17.27 -7.60 17.44
CA TYR A 319 16.55 -6.38 17.06
C TYR A 319 16.30 -5.54 18.31
N TRP A 320 16.54 -6.11 19.50
CA TRP A 320 16.38 -5.42 20.79
C TRP A 320 17.48 -4.38 20.96
N ILE A 321 17.10 -3.15 21.27
CA ILE A 321 18.05 -2.01 21.45
C ILE A 321 17.63 -1.25 22.70
N LYS A 322 18.60 -0.61 23.35
CA LYS A 322 18.46 -0.01 24.69
C LYS A 322 19.39 1.18 24.78
N PRO A 323 19.13 2.16 25.67
CA PRO A 323 20.05 3.26 25.90
C PRO A 323 21.49 2.76 26.12
N GLY A 324 22.46 3.35 25.40
CA GLY A 324 23.87 2.89 25.34
C GLY A 324 24.22 2.40 23.94
N ASP A 325 23.26 1.76 23.27
CA ASP A 325 23.40 1.26 21.88
C ASP A 325 23.43 2.45 20.92
N HIS A 326 23.99 2.26 19.73
CA HIS A 326 23.83 3.16 18.56
C HIS A 326 23.14 2.40 17.44
N VAL A 327 22.19 3.05 16.75
CA VAL A 327 21.68 2.61 15.43
C VAL A 327 22.60 3.18 14.35
N MET A 328 23.25 2.30 13.60
CA MET A 328 24.23 2.67 12.55
C MET A 328 23.65 2.32 11.18
N MET A 329 24.00 3.09 10.14
CA MET A 329 23.41 2.96 8.79
C MET A 329 24.21 3.82 7.80
N GLU A 330 24.13 3.49 6.52
CA GLU A 330 24.70 4.28 5.40
C GLU A 330 23.55 4.93 4.63
N VAL A 331 23.64 6.24 4.42
CA VAL A 331 22.63 7.07 3.69
C VAL A 331 23.25 7.51 2.37
N SER A 332 22.63 7.14 1.24
CA SER A 332 23.07 7.50 -0.13
C SER A 332 21.86 7.93 -0.96
N CYS A 333 22.09 8.77 -1.97
CA CYS A 333 21.07 9.26 -2.93
C CYS A 333 21.66 9.28 -4.35
N GLN A 334 22.28 8.18 -4.77
CA GLN A 334 23.12 8.11 -6.01
C GLN A 334 22.23 7.83 -7.25
N ASP A 335 21.23 6.95 -7.12
CA ASP A 335 20.36 6.49 -8.26
C ASP A 335 18.89 6.74 -7.92
N CYS A 336 18.47 8.02 -7.94
CA CYS A 336 17.07 8.49 -7.69
C CYS A 336 16.76 8.42 -6.18
N TYR A 337 16.60 7.21 -5.64
CA TYR A 337 16.02 6.96 -4.29
C TYR A 337 17.05 7.28 -3.20
N LEU A 338 16.57 7.88 -2.12
CA LEU A 338 17.19 7.82 -0.78
C LEU A 338 17.25 6.37 -0.33
N ARG A 339 18.46 5.80 -0.26
CA ARG A 339 18.70 4.44 0.29
C ARG A 339 19.31 4.56 1.68
N ILE A 340 18.77 3.81 2.64
CA ILE A 340 19.42 3.49 3.92
C ILE A 340 19.79 2.00 3.91
N GLN A 341 21.08 1.71 4.02
CA GLN A 341 21.64 0.34 3.91
C GLN A 341 22.51 0.06 5.14
N SER A 342 22.89 -1.21 5.32
CA SER A 342 23.83 -1.69 6.37
C SER A 342 23.33 -1.21 7.74
N ILE A 343 22.03 -1.29 7.98
CA ILE A 343 21.44 -0.89 9.28
C ILE A 343 21.82 -1.98 10.31
N SER A 344 22.51 -1.59 11.38
CA SER A 344 23.07 -2.52 12.40
C SER A 344 23.08 -1.85 13.78
N VAL A 345 23.31 -2.64 14.82
CA VAL A 345 23.25 -2.21 16.23
C VAL A 345 24.65 -2.39 16.85
N LEU A 346 25.29 -1.27 17.20
CA LEU A 346 26.52 -1.23 18.02
C LEU A 346 26.14 -1.17 19.48
N GLY A 347 26.57 -2.17 20.28
CA GLY A 347 26.27 -2.27 21.72
C GLY A 347 27.24 -1.44 22.55
N LEU A 348 27.12 -1.53 23.89
CA LEU A 348 27.94 -0.76 24.88
C LEU A 348 29.37 -1.30 24.88
N GLU A 389 22.46 -22.25 5.09
CA GLU A 389 21.83 -20.97 5.50
C GLU A 389 21.13 -20.32 4.31
N GLN A 390 20.09 -20.97 3.79
CA GLN A 390 19.35 -20.58 2.55
C GLN A 390 18.49 -19.33 2.82
N THR A 391 18.52 -18.36 1.91
CA THR A 391 17.71 -17.12 1.93
C THR A 391 16.51 -17.29 1.01
N CYS A 392 15.31 -17.09 1.53
CA CYS A 392 14.03 -17.16 0.79
C CYS A 392 13.35 -15.78 0.79
N ILE A 393 13.33 -15.11 -0.34
CA ILE A 393 12.65 -13.79 -0.52
C ILE A 393 11.13 -14.03 -0.59
N LEU A 394 10.38 -13.38 0.30
CA LEU A 394 8.89 -13.39 0.32
C LEU A 394 8.37 -11.97 0.09
N GLU A 395 7.23 -11.83 -0.58
CA GLU A 395 6.43 -10.59 -0.55
C GLU A 395 6.00 -10.32 0.90
N SER A 396 5.69 -9.06 1.21
CA SER A 396 5.19 -8.60 2.53
C SER A 396 3.94 -9.39 2.92
N THR A 397 3.04 -9.61 1.98
CA THR A 397 1.78 -10.40 2.15
C THR A 397 2.14 -11.81 2.65
N GLU A 398 3.20 -12.39 2.11
CA GLU A 398 3.62 -13.78 2.41
C GLU A 398 4.30 -13.81 3.78
N ILE A 399 5.02 -12.75 4.14
CA ILE A 399 5.62 -12.60 5.49
C ILE A 399 4.50 -12.41 6.52
N ALA A 400 3.56 -11.51 6.24
CA ALA A 400 2.37 -11.28 7.08
C ALA A 400 1.59 -12.59 7.25
N LEU A 401 1.54 -13.42 6.20
CA LEU A 401 0.84 -14.73 6.21
C LEU A 401 1.50 -15.65 7.25
N LEU A 402 2.82 -15.83 7.18
CA LEU A 402 3.60 -16.69 8.13
C LEU A 402 3.43 -16.15 9.56
N ASN A 403 3.15 -14.85 9.73
CA ASN A 403 2.96 -14.24 11.08
C ASN A 403 1.48 -14.32 11.51
N ASN A 404 0.59 -14.84 10.64
CA ASN A 404 -0.87 -14.96 10.91
C ASN A 404 -1.14 -16.32 11.57
N ILE A 405 -1.02 -16.38 12.90
CA ILE A 405 -1.06 -17.66 13.68
C ILE A 405 -2.48 -18.26 13.61
N PRO A 406 -3.55 -17.49 13.90
CA PRO A 406 -4.90 -18.06 13.97
C PRO A 406 -5.33 -18.66 12.62
N TYR A 407 -4.82 -18.09 11.53
CA TYR A 407 -5.03 -18.58 10.15
C TYR A 407 -4.55 -20.03 10.07
N HIS A 408 -3.34 -20.30 10.54
CA HIS A 408 -2.67 -21.62 10.40
C HIS A 408 -3.29 -22.59 11.39
N GLU A 409 -3.65 -22.11 12.58
CA GLU A 409 -4.27 -22.92 13.65
C GLU A 409 -5.67 -23.35 13.20
N GLY A 410 -6.44 -22.42 12.60
CA GLY A 410 -7.72 -22.72 11.93
C GLY A 410 -7.57 -23.86 10.92
N PHE A 411 -6.58 -23.78 10.05
CA PHE A 411 -6.34 -24.78 8.99
C PHE A 411 -5.95 -26.12 9.62
N LYS A 412 -5.02 -26.11 10.59
CA LYS A 412 -4.63 -27.35 11.31
C LYS A 412 -5.89 -28.04 11.83
N MET A 413 -6.68 -27.34 12.66
CA MET A 413 -7.88 -27.88 13.32
C MET A 413 -8.85 -28.39 12.24
N ALA A 414 -9.19 -27.55 11.26
CA ALA A 414 -10.26 -27.82 10.26
C ALA A 414 -9.85 -28.99 9.37
N MET A 415 -8.55 -29.10 9.06
CA MET A 415 -8.00 -30.19 8.23
C MET A 415 -8.08 -31.51 9.01
N SER A 416 -7.68 -31.50 10.29
CA SER A 416 -7.69 -32.68 11.18
C SER A 416 -9.13 -33.22 11.33
N LYS A 417 -10.13 -32.33 11.31
CA LYS A 417 -11.57 -32.69 11.45
C LYS A 417 -12.03 -33.42 10.17
N VAL A 418 -11.63 -32.93 9.00
CA VAL A 418 -12.02 -33.51 7.68
C VAL A 418 -11.30 -34.85 7.48
N LEU A 419 -10.03 -34.93 7.86
CA LEU A 419 -9.25 -36.20 7.88
C LEU A 419 -9.96 -37.20 8.79
N SER A 420 -10.31 -36.77 10.00
CA SER A 420 -10.89 -37.60 11.09
C SER A 420 -12.18 -38.30 10.62
N SER A 421 -13.01 -37.58 9.86
CA SER A 421 -14.38 -38.00 9.47
C SER A 421 -14.35 -38.80 8.16
N LEU A 422 -13.16 -39.21 7.72
CA LEU A 422 -12.95 -39.92 6.41
C LEU A 422 -12.05 -41.14 6.60
N THR A 423 -11.14 -41.10 7.58
CA THR A 423 -10.23 -42.22 7.95
C THR A 423 -9.44 -41.85 9.21
N PRO A 424 -10.07 -41.95 10.41
CA PRO A 424 -9.39 -41.65 11.67
C PRO A 424 -8.13 -42.51 11.90
N GLU A 425 -8.11 -43.72 11.33
CA GLU A 425 -6.98 -44.68 11.43
C GLU A 425 -5.69 -44.02 10.90
N LYS A 426 -5.82 -43.13 9.91
CA LYS A 426 -4.66 -42.53 9.18
C LYS A 426 -4.33 -41.14 9.77
N LEU A 427 -4.95 -40.78 10.90
CA LEU A 427 -4.72 -39.51 11.64
C LEU A 427 -3.81 -39.79 12.86
N TYR A 428 -2.81 -38.94 13.11
CA TYR A 428 -1.89 -39.04 14.26
C TYR A 428 -2.58 -38.49 15.51
N ASN A 451 -6.27 -49.00 3.87
CA ASN A 451 -5.12 -49.36 3.00
C ASN A 451 -3.92 -48.50 3.39
N ILE A 452 -2.96 -49.09 4.10
CA ILE A 452 -1.77 -48.43 4.70
C ILE A 452 -1.02 -47.62 3.63
N LEU A 453 -0.90 -48.16 2.41
CA LEU A 453 -0.07 -47.57 1.31
C LEU A 453 -0.80 -46.35 0.70
N GLU A 454 -2.09 -46.15 1.03
CA GLU A 454 -2.96 -45.11 0.42
C GLU A 454 -3.13 -43.94 1.41
N PRO A 455 -2.53 -42.77 1.12
CA PRO A 455 -2.64 -41.60 1.98
C PRO A 455 -3.90 -40.76 1.70
N PHE A 456 -4.20 -39.81 2.59
CA PHE A 456 -5.01 -38.61 2.29
C PHE A 456 -4.23 -37.74 1.30
N TYR A 457 -4.80 -37.48 0.13
CA TYR A 457 -4.28 -36.52 -0.86
C TYR A 457 -4.83 -35.14 -0.51
N VAL A 458 -3.94 -34.17 -0.29
CA VAL A 458 -4.27 -32.76 0.08
C VAL A 458 -3.63 -31.82 -0.93
N LEU A 459 -4.45 -31.04 -1.64
CA LEU A 459 -4.00 -30.06 -2.66
C LEU A 459 -4.15 -28.64 -2.11
N ASP A 460 -3.05 -27.90 -2.09
CA ASP A 460 -3.00 -26.47 -1.75
C ASP A 460 -2.78 -25.66 -3.03
N VAL A 461 -3.77 -24.88 -3.43
CA VAL A 461 -3.73 -23.98 -4.63
C VAL A 461 -3.69 -22.52 -4.16
N SER A 462 -3.11 -22.27 -2.99
CA SER A 462 -2.70 -20.91 -2.56
C SER A 462 -1.86 -20.27 -3.66
N GLU A 463 -2.03 -18.96 -3.87
CA GLU A 463 -1.48 -18.21 -5.04
C GLU A 463 0.06 -18.20 -4.94
N GLY A 464 0.60 -17.86 -3.78
CA GLY A 464 2.06 -17.71 -3.56
C GLY A 464 2.59 -18.73 -2.58
N PHE A 465 3.50 -18.31 -1.69
CA PHE A 465 4.15 -19.19 -0.68
C PHE A 465 3.15 -19.56 0.41
N SER A 466 3.17 -20.83 0.83
CA SER A 466 2.19 -21.41 1.80
C SER A 466 2.83 -22.61 2.49
N VAL A 467 2.57 -22.78 3.78
CA VAL A 467 3.12 -23.89 4.60
C VAL A 467 1.98 -24.83 4.98
N LEU A 468 0.77 -24.55 4.49
CA LEU A 468 -0.44 -25.38 4.70
C LEU A 468 -0.14 -26.85 4.38
N PRO A 469 0.53 -27.15 3.23
CA PRO A 469 0.92 -28.53 2.90
C PRO A 469 1.74 -29.21 4.00
N VAL A 470 2.68 -28.50 4.61
CA VAL A 470 3.56 -29.06 5.67
C VAL A 470 2.71 -29.36 6.90
N ILE A 471 1.84 -28.41 7.28
CA ILE A 471 0.84 -28.59 8.37
C ILE A 471 0.01 -29.84 8.07
N ALA A 472 -0.52 -29.97 6.86
CA ALA A 472 -1.29 -31.17 6.43
C ALA A 472 -0.44 -32.43 6.61
N GLY A 473 0.80 -32.38 6.09
CA GLY A 473 1.82 -33.43 6.26
C GLY A 473 1.94 -33.92 7.70
N THR A 474 1.90 -33.03 8.69
CA THR A 474 2.20 -33.35 10.12
C THR A 474 1.01 -34.07 10.78
N LEU A 475 -0.17 -34.04 10.15
CA LEU A 475 -1.46 -34.46 10.79
C LEU A 475 -1.61 -35.99 10.77
N GLY A 476 -1.22 -36.64 9.68
CA GLY A 476 -1.44 -38.09 9.47
C GLY A 476 -0.69 -38.64 8.26
N GLN A 477 -1.01 -39.87 7.87
CA GLN A 477 -0.64 -40.47 6.55
C GLN A 477 -1.23 -39.59 5.45
N VAL A 478 -0.55 -38.49 5.13
CA VAL A 478 -1.00 -37.46 4.15
C VAL A 478 0.05 -37.32 3.05
N LYS A 479 -0.40 -37.22 1.80
CA LYS A 479 0.41 -36.80 0.62
C LYS A 479 0.01 -35.38 0.28
N PRO A 480 0.77 -34.36 0.75
CA PRO A 480 0.42 -32.97 0.51
C PRO A 480 1.06 -32.44 -0.77
N TYR A 481 0.33 -31.58 -1.49
CA TYR A 481 0.75 -30.98 -2.78
C TYR A 481 0.78 -29.46 -2.64
N SER A 482 1.94 -28.85 -2.89
CA SER A 482 2.18 -27.40 -2.93
C SER A 482 2.09 -26.88 -4.38
N SER A 483 1.56 -25.66 -4.55
CA SER A 483 1.39 -25.00 -5.87
C SER A 483 2.35 -23.81 -6.00
N VAL A 484 3.44 -23.79 -5.23
CA VAL A 484 4.52 -22.76 -5.38
C VAL A 484 5.17 -22.93 -6.75
N GLU A 485 5.45 -21.82 -7.44
CA GLU A 485 6.13 -21.77 -8.76
C GLU A 485 7.64 -21.53 -8.55
N LYS A 486 8.00 -20.50 -7.77
CA LYS A 486 9.40 -20.00 -7.61
C LYS A 486 10.30 -21.11 -7.07
N ASP A 487 11.47 -21.33 -7.69
CA ASP A 487 12.47 -22.36 -7.27
C ASP A 487 12.84 -22.13 -5.80
N GLN A 488 12.91 -20.87 -5.38
CA GLN A 488 13.31 -20.44 -4.02
C GLN A 488 12.29 -20.93 -2.99
N HIS A 489 11.01 -20.85 -3.32
CA HIS A 489 9.89 -21.35 -2.47
C HIS A 489 10.01 -22.87 -2.33
N ARG A 490 10.32 -23.56 -3.43
CA ARG A 490 10.42 -25.04 -3.49
C ARG A 490 11.54 -25.48 -2.54
N ILE A 491 12.67 -24.79 -2.56
CA ILE A 491 13.86 -25.11 -1.71
C ILE A 491 13.50 -24.88 -0.23
N ALA A 492 12.88 -23.74 0.09
CA ALA A 492 12.47 -23.38 1.46
C ALA A 492 11.57 -24.49 2.02
N LEU A 493 10.58 -24.93 1.23
CA LEU A 493 9.55 -25.91 1.66
C LEU A 493 10.19 -27.31 1.80
N ASP A 494 11.17 -27.63 0.97
CA ASP A 494 11.99 -28.87 1.08
C ASP A 494 12.71 -28.87 2.43
N LEU A 495 13.28 -27.72 2.80
CA LEU A 495 14.10 -27.56 4.03
C LEU A 495 13.19 -27.58 5.26
N ILE A 496 12.01 -26.96 5.18
CA ILE A 496 11.00 -26.94 6.28
C ILE A 496 10.46 -28.37 6.49
N SER A 497 10.18 -29.08 5.38
CA SER A 497 9.76 -30.49 5.37
C SER A 497 10.77 -31.34 6.16
N GLU A 498 12.05 -31.23 5.82
CA GLU A 498 13.16 -31.94 6.48
C GLU A 498 13.08 -31.69 8.00
N ALA A 499 12.77 -30.45 8.41
CA ALA A 499 12.85 -29.96 9.80
C ALA A 499 11.68 -30.51 10.63
N ASN A 500 10.66 -31.05 9.96
CA ASN A 500 9.42 -31.58 10.58
C ASN A 500 9.33 -33.08 10.30
N HIS A 501 10.48 -33.73 10.05
CA HIS A 501 10.67 -35.20 10.03
C HIS A 501 9.88 -35.85 8.87
N PHE A 502 9.68 -35.13 7.78
CA PHE A 502 9.19 -35.73 6.50
C PHE A 502 10.36 -36.50 5.87
N PRO A 503 10.16 -37.76 5.45
CA PRO A 503 11.03 -38.37 4.45
C PRO A 503 11.00 -37.53 3.16
N LYS A 504 12.15 -37.38 2.52
CA LYS A 504 12.34 -36.69 1.20
C LYS A 504 11.16 -37.04 0.28
N GLU A 505 10.61 -36.03 -0.41
CA GLU A 505 9.57 -36.21 -1.46
C GLU A 505 8.26 -36.71 -0.83
N THR A 506 8.05 -36.45 0.45
CA THR A 506 6.71 -36.46 1.10
C THR A 506 5.89 -35.30 0.51
N LEU A 507 6.40 -34.08 0.63
CA LEU A 507 5.84 -32.86 0.01
C LEU A 507 6.12 -32.91 -1.49
N GLU A 508 5.07 -32.92 -2.32
CA GLU A 508 5.16 -32.91 -3.81
C GLU A 508 4.77 -31.52 -4.32
N PHE A 509 5.31 -31.12 -5.47
CA PHE A 509 5.10 -29.80 -6.11
C PHE A 509 4.26 -29.98 -7.38
N TRP A 510 3.06 -29.39 -7.37
CA TRP A 510 1.95 -29.67 -8.34
C TRP A 510 2.31 -29.14 -9.72
N LEU A 511 2.86 -27.92 -9.80
CA LEU A 511 3.22 -27.25 -11.09
C LEU A 511 4.31 -28.08 -11.80
N ARG A 512 5.44 -28.31 -11.12
CA ARG A 512 6.49 -29.29 -11.52
C ARG A 512 5.81 -30.64 -11.84
N MET A 520 -4.25 -25.92 -14.68
CA MET A 520 -5.31 -26.96 -14.68
C MET A 520 -5.47 -27.53 -13.26
N LEU A 521 -6.71 -27.81 -12.87
CA LEU A 521 -7.06 -28.66 -11.70
C LEU A 521 -7.42 -30.06 -12.18
N GLN A 522 -6.65 -31.07 -11.76
CA GLN A 522 -6.80 -32.48 -12.18
C GLN A 522 -6.78 -33.38 -10.94
N ARG A 523 -7.21 -34.64 -11.09
CA ARG A 523 -7.08 -35.72 -10.08
C ARG A 523 -5.63 -35.78 -9.59
N PRO A 524 -5.38 -36.24 -8.34
CA PRO A 524 -4.01 -36.45 -7.87
C PRO A 524 -3.29 -37.55 -8.65
N LYS A 525 -4.02 -38.64 -8.96
CA LYS A 525 -3.55 -39.78 -9.80
C LYS A 525 -4.73 -40.27 -10.66
N SER A 526 -4.50 -41.30 -11.49
CA SER A 526 -5.44 -41.78 -12.55
C SER A 526 -6.82 -42.08 -11.94
N ASP A 527 -6.88 -42.91 -10.88
CA ASP A 527 -8.13 -43.45 -10.30
C ASP A 527 -8.27 -43.01 -8.84
N LYS A 528 -7.56 -41.95 -8.44
CA LYS A 528 -7.59 -41.40 -7.05
C LYS A 528 -8.24 -40.01 -7.07
N LEU A 529 -8.58 -39.50 -5.89
CA LEU A 529 -9.34 -38.23 -5.70
C LEU A 529 -8.80 -37.47 -4.49
N TRP A 530 -9.05 -36.16 -4.42
CA TRP A 530 -8.59 -35.26 -3.33
C TRP A 530 -9.49 -35.41 -2.10
N SER A 531 -8.88 -35.44 -0.92
CA SER A 531 -9.58 -35.37 0.39
C SER A 531 -9.79 -33.89 0.79
N ILE A 532 -8.81 -33.04 0.52
CA ILE A 532 -8.93 -31.56 0.70
C ILE A 532 -8.34 -30.85 -0.51
N ILE A 533 -9.09 -29.91 -1.09
CA ILE A 533 -8.58 -28.86 -2.01
C ILE A 533 -8.71 -27.51 -1.32
N ILE A 534 -7.63 -26.75 -1.21
CA ILE A 534 -7.60 -25.37 -0.65
C ILE A 534 -7.53 -24.38 -1.80
N LEU A 535 -8.53 -23.52 -1.93
CA LEU A 535 -8.58 -22.47 -2.96
C LEU A 535 -8.27 -21.11 -2.33
N ASP A 536 -7.69 -20.22 -3.11
CA ASP A 536 -7.39 -18.81 -2.75
C ASP A 536 -8.56 -17.94 -3.21
N VAL A 537 -9.33 -17.38 -2.28
CA VAL A 537 -10.67 -16.79 -2.56
C VAL A 537 -10.58 -15.26 -2.59
N ILE A 538 -9.79 -14.66 -1.70
CA ILE A 538 -9.75 -13.19 -1.48
C ILE A 538 -8.35 -12.68 -1.86
N GLU A 539 -8.29 -11.64 -2.69
CA GLU A 539 -7.04 -10.93 -3.06
C GLU A 539 -6.52 -10.19 -1.84
N PRO A 540 -5.18 -9.99 -1.75
CA PRO A 540 -4.60 -9.03 -0.82
C PRO A 540 -5.32 -7.66 -0.83
N SER A 541 -5.84 -7.27 -2.00
CA SER A 541 -6.54 -5.99 -2.25
C SER A 541 -7.79 -5.86 -1.37
N GLY A 542 -8.38 -6.98 -0.98
CA GLY A 542 -9.66 -7.03 -0.25
C GLY A 542 -10.83 -7.36 -1.17
N LEU A 543 -10.55 -7.58 -2.47
CA LEU A 543 -11.56 -8.00 -3.49
C LEU A 543 -11.56 -9.52 -3.59
N ILE A 544 -12.66 -10.10 -4.06
CA ILE A 544 -12.77 -11.57 -4.32
C ILE A 544 -11.90 -11.89 -5.55
N GLN A 545 -11.16 -12.99 -5.52
CA GLN A 545 -10.27 -13.44 -6.62
C GLN A 545 -11.12 -13.73 -7.87
N GLN A 546 -10.60 -13.40 -9.05
CA GLN A 546 -11.27 -13.63 -10.35
C GLN A 546 -11.32 -15.14 -10.63
N GLU A 547 -12.46 -15.64 -11.14
CA GLU A 547 -12.63 -17.04 -11.67
C GLU A 547 -12.76 -18.04 -10.51
N ILE A 548 -12.94 -17.57 -9.28
CA ILE A 548 -12.95 -18.47 -8.07
C ILE A 548 -14.13 -19.45 -8.18
N MET A 549 -15.28 -18.97 -8.67
CA MET A 549 -16.52 -19.79 -8.81
C MET A 549 -16.26 -20.92 -9.82
N GLU A 550 -15.55 -20.64 -10.91
CA GLU A 550 -15.08 -21.66 -11.90
C GLU A 550 -14.19 -22.68 -11.20
N LYS A 551 -13.15 -22.22 -10.51
CA LYS A 551 -12.15 -23.08 -9.81
C LYS A 551 -12.88 -23.96 -8.79
N ALA A 552 -13.87 -23.39 -8.08
CA ALA A 552 -14.71 -24.11 -7.09
C ALA A 552 -15.45 -25.25 -7.80
N ALA A 553 -16.10 -24.96 -8.93
CA ALA A 553 -17.01 -25.89 -9.66
C ALA A 553 -16.18 -27.05 -10.25
N ILE A 554 -15.05 -26.72 -10.90
CA ILE A 554 -14.07 -27.74 -11.38
C ILE A 554 -13.63 -28.59 -10.17
N SER A 555 -13.24 -27.95 -9.07
CA SER A 555 -12.65 -28.60 -7.87
C SER A 555 -13.66 -29.58 -7.25
N ARG A 556 -14.95 -29.22 -7.26
CA ARG A 556 -16.06 -29.99 -6.61
C ARG A 556 -16.08 -31.44 -7.15
N CYS A 557 -15.83 -31.59 -8.45
CA CYS A 557 -15.87 -32.89 -9.18
C CYS A 557 -14.69 -33.78 -8.76
N LEU A 558 -13.59 -33.18 -8.28
CA LEU A 558 -12.29 -33.86 -8.06
C LEU A 558 -12.15 -34.31 -6.60
N LEU A 559 -13.24 -34.25 -5.83
CA LEU A 559 -13.25 -34.53 -4.36
C LEU A 559 -13.63 -35.99 -4.11
N GLN A 560 -12.98 -36.62 -3.14
CA GLN A 560 -13.40 -37.89 -2.50
C GLN A 560 -14.72 -37.65 -1.75
N SER A 561 -15.61 -38.65 -1.73
CA SER A 561 -16.87 -38.66 -0.95
C SER A 561 -16.61 -38.15 0.48
N GLY A 562 -17.13 -36.96 0.80
CA GLY A 562 -17.01 -36.33 2.14
C GLY A 562 -15.77 -35.44 2.24
N GLY A 563 -15.05 -35.26 1.13
CA GLY A 563 -13.94 -34.29 1.01
C GLY A 563 -14.49 -32.89 0.86
N LYS A 564 -13.62 -31.88 0.94
CA LYS A 564 -14.03 -30.46 1.12
C LYS A 564 -13.12 -29.53 0.30
N ILE A 565 -13.71 -28.52 -0.32
CA ILE A 565 -13.02 -27.24 -0.65
C ILE A 565 -12.90 -26.42 0.64
N PHE A 566 -11.69 -25.95 0.95
CA PHE A 566 -11.43 -24.90 1.97
C PHE A 566 -11.14 -23.59 1.24
N PRO A 567 -11.79 -22.47 1.65
CA PRO A 567 -12.96 -22.52 2.53
C PRO A 567 -14.19 -23.06 1.80
N GLN A 568 -15.13 -23.66 2.54
CA GLN A 568 -16.39 -24.22 2.02
C GLN A 568 -17.29 -23.07 1.54
N TYR A 569 -17.38 -22.00 2.32
CA TYR A 569 -18.08 -20.75 1.93
C TYR A 569 -17.41 -19.55 2.58
N VAL A 570 -17.80 -18.37 2.13
CA VAL A 570 -17.24 -17.06 2.56
C VAL A 570 -18.41 -16.09 2.73
N LEU A 571 -18.52 -15.48 3.90
CA LEU A 571 -19.47 -14.39 4.18
C LEU A 571 -18.74 -13.07 4.02
N MET A 572 -19.29 -12.15 3.25
CA MET A 572 -18.81 -10.74 3.18
C MET A 572 -19.63 -9.91 4.16
N PHE A 573 -18.96 -9.26 5.11
CA PHE A 573 -19.58 -8.34 6.09
C PHE A 573 -19.26 -6.90 5.72
N GLY A 574 -20.18 -6.00 6.04
CA GLY A 574 -20.07 -4.56 5.76
C GLY A 574 -20.41 -3.75 6.98
N LEU A 575 -20.08 -2.48 6.95
CA LEU A 575 -20.30 -1.53 8.05
C LEU A 575 -20.63 -0.17 7.45
N LEU A 576 -21.75 0.43 7.85
CA LEU A 576 -22.03 1.87 7.60
C LEU A 576 -21.06 2.70 8.44
N VAL A 577 -20.32 3.62 7.81
CA VAL A 577 -19.41 4.57 8.50
C VAL A 577 -19.61 5.97 7.94
N GLU A 578 -19.47 6.98 8.78
CA GLU A 578 -19.13 8.37 8.39
C GLU A 578 -17.61 8.51 8.42
N SER A 579 -17.00 8.70 7.24
CA SER A 579 -15.53 8.88 7.07
C SER A 579 -15.26 10.04 6.12
N GLN A 580 -14.92 11.20 6.67
CA GLN A 580 -14.48 12.40 5.90
C GLN A 580 -13.15 12.08 5.19
N THR A 581 -12.26 11.32 5.85
CA THR A 581 -10.97 10.84 5.27
C THR A 581 -11.23 10.11 3.95
N LEU A 582 -12.06 9.08 3.96
CA LEU A 582 -12.34 8.26 2.75
C LEU A 582 -12.94 9.16 1.67
N LEU A 583 -13.72 10.14 2.07
CA LEU A 583 -14.37 11.13 1.17
C LEU A 583 -13.29 11.98 0.49
N GLU A 584 -12.33 12.51 1.26
CA GLU A 584 -11.35 13.50 0.78
C GLU A 584 -10.27 12.81 -0.05
N GLU A 585 -10.16 11.48 0.07
CA GLU A 585 -9.26 10.61 -0.73
C GLU A 585 -9.91 10.31 -2.07
N ASN A 586 -11.22 10.46 -2.14
CA ASN A 586 -12.09 9.90 -3.20
C ASN A 586 -12.48 11.00 -4.20
N ALA A 587 -12.59 12.25 -3.73
CA ALA A 587 -13.30 13.35 -4.43
C ALA A 587 -12.86 14.69 -3.85
N VAL A 588 -12.58 15.67 -4.71
CA VAL A 588 -12.39 17.09 -4.29
C VAL A 588 -13.75 17.62 -3.82
N GLN A 589 -13.77 18.24 -2.64
CA GLN A 589 -15.00 18.77 -2.00
C GLN A 589 -15.14 20.26 -2.36
N GLY A 590 -15.48 20.54 -3.62
CA GLY A 590 -15.94 21.87 -4.08
C GLY A 590 -14.80 22.76 -4.53
N THR A 591 -14.92 24.08 -4.32
CA THR A 591 -14.06 25.14 -4.94
C THR A 591 -13.23 25.86 -3.87
N GLU A 592 -13.72 25.91 -2.63
CA GLU A 592 -13.14 26.72 -1.53
C GLU A 592 -11.77 26.17 -1.15
N ARG A 593 -11.57 24.84 -1.26
CA ARG A 593 -10.30 24.15 -0.89
C ARG A 593 -9.22 24.48 -1.91
N THR A 594 -9.62 24.69 -3.17
CA THR A 594 -8.71 25.04 -4.28
C THR A 594 -8.68 26.58 -4.46
N LEU A 595 -9.09 27.33 -3.43
CA LEU A 595 -8.97 28.81 -3.35
C LEU A 595 -9.76 29.46 -4.50
N GLY A 596 -10.96 28.96 -4.80
CA GLY A 596 -11.90 29.56 -5.76
C GLY A 596 -11.79 28.91 -7.12
N LEU A 597 -10.64 28.29 -7.42
CA LEU A 597 -10.40 27.60 -8.71
C LEU A 597 -11.34 26.39 -8.82
N ASN A 598 -11.87 26.17 -10.01
CA ASN A 598 -12.94 25.18 -10.29
C ASN A 598 -12.29 23.93 -10.87
N ILE A 599 -12.03 22.92 -10.04
CA ILE A 599 -11.28 21.69 -10.42
C ILE A 599 -12.15 20.46 -10.19
N ALA A 600 -12.96 20.46 -9.12
CA ALA A 600 -13.69 19.29 -8.58
C ALA A 600 -14.53 18.62 -9.66
N PRO A 601 -15.42 19.37 -10.36
CA PRO A 601 -16.34 18.75 -11.34
C PRO A 601 -15.60 17.95 -12.42
N PHE A 602 -14.33 18.26 -12.64
CA PHE A 602 -13.49 17.67 -13.73
C PHE A 602 -12.77 16.44 -13.18
N ILE A 603 -12.05 16.58 -12.07
CA ILE A 603 -11.29 15.45 -11.46
C ILE A 603 -12.27 14.39 -10.91
N ASN A 604 -13.45 14.81 -10.41
CA ASN A 604 -14.42 13.91 -9.71
C ASN A 604 -15.11 12.97 -10.71
N GLN A 605 -15.02 13.27 -12.00
CA GLN A 605 -15.42 12.34 -13.09
C GLN A 605 -14.64 11.02 -12.98
N PHE A 606 -13.49 11.04 -12.28
CA PHE A 606 -12.59 9.87 -12.13
C PHE A 606 -12.69 9.28 -10.70
N GLN A 607 -13.80 9.53 -10.00
CA GLN A 607 -14.15 8.86 -8.71
C GLN A 607 -14.06 7.34 -8.89
N VAL A 608 -13.35 6.65 -8.00
CA VAL A 608 -13.34 5.16 -7.90
C VAL A 608 -14.49 4.75 -6.98
N PRO A 609 -15.32 3.76 -7.36
CA PRO A 609 -16.42 3.33 -6.51
C PRO A 609 -15.94 2.58 -5.25
N ILE A 610 -14.77 1.94 -5.34
CA ILE A 610 -14.24 1.04 -4.28
C ILE A 610 -12.77 1.37 -4.00
N ARG A 611 -12.47 1.67 -2.74
CA ARG A 611 -11.10 1.87 -2.22
C ARG A 611 -10.55 0.50 -1.78
N VAL A 612 -9.54 0.00 -2.50
CA VAL A 612 -8.87 -1.31 -2.23
C VAL A 612 -7.61 -1.05 -1.39
N PHE A 613 -7.01 -2.12 -0.86
CA PHE A 613 -5.77 -2.08 -0.03
C PHE A 613 -5.98 -1.14 1.17
N LEU A 614 -7.15 -1.26 1.82
CA LEU A 614 -7.55 -0.41 2.98
C LEU A 614 -7.19 -1.12 4.29
N ASP A 615 -6.45 -0.44 5.17
CA ASP A 615 -6.26 -0.83 6.60
C ASP A 615 -7.43 -0.30 7.44
N LEU A 616 -8.47 -1.12 7.61
CA LEU A 616 -9.73 -0.76 8.31
C LEU A 616 -9.41 -0.28 9.72
N SER A 617 -8.57 -1.03 10.44
CA SER A 617 -8.24 -0.80 11.88
C SER A 617 -7.69 0.62 12.08
N SER A 618 -7.06 1.19 11.05
CA SER A 618 -6.39 2.53 11.12
C SER A 618 -7.39 3.65 10.77
N LEU A 619 -8.51 3.32 10.13
CA LEU A 619 -9.36 4.30 9.40
C LEU A 619 -10.06 5.22 10.40
N PRO A 620 -9.86 6.56 10.31
CA PRO A 620 -10.68 7.50 11.06
C PRO A 620 -12.09 7.58 10.45
N CYS A 621 -13.07 7.07 11.20
CA CYS A 621 -14.49 6.96 10.78
C CYS A 621 -15.37 6.83 12.03
N ILE A 622 -16.67 7.07 11.88
CA ILE A 622 -17.70 6.83 12.93
C ILE A 622 -18.62 5.72 12.43
N PRO A 623 -18.71 4.59 13.17
CA PRO A 623 -19.66 3.53 12.83
C PRO A 623 -21.10 4.01 13.00
N LEU A 624 -21.94 3.75 12.01
CA LEU A 624 -23.37 4.15 12.01
C LEU A 624 -24.24 2.90 12.12
N SER A 625 -23.63 1.72 12.04
CA SER A 625 -24.30 0.40 12.20
C SER A 625 -23.33 -0.59 12.86
N LYS A 626 -23.83 -1.76 13.24
CA LYS A 626 -23.02 -2.96 13.55
C LYS A 626 -22.68 -3.64 12.22
N PRO A 627 -21.61 -4.47 12.18
CA PRO A 627 -21.35 -5.29 11.00
C PRO A 627 -22.64 -5.97 10.55
N VAL A 628 -22.79 -6.24 9.26
CA VAL A 628 -23.96 -6.97 8.70
C VAL A 628 -23.50 -7.82 7.52
N GLU A 629 -23.98 -9.08 7.46
CA GLU A 629 -23.72 -9.99 6.32
C GLU A 629 -24.35 -9.41 5.06
N LEU A 630 -23.55 -9.25 4.00
CA LEU A 630 -23.94 -8.59 2.74
C LEU A 630 -24.16 -9.64 1.66
N LEU A 631 -23.36 -10.71 1.66
CA LEU A 631 -23.52 -11.80 0.67
C LEU A 631 -22.77 -13.04 1.12
N ARG A 632 -23.21 -14.18 0.58
CA ARG A 632 -22.61 -15.50 0.75
C ARG A 632 -22.00 -15.92 -0.58
N LEU A 633 -20.71 -16.22 -0.60
CA LEU A 633 -20.05 -16.97 -1.68
C LEU A 633 -19.76 -18.38 -1.17
N ASP A 634 -20.48 -19.37 -1.70
CA ASP A 634 -20.51 -20.77 -1.21
C ASP A 634 -19.87 -21.65 -2.27
N LEU A 635 -18.71 -22.21 -1.94
CA LEU A 635 -17.84 -22.95 -2.90
C LEU A 635 -18.34 -24.40 -3.07
N MET A 636 -18.97 -24.95 -2.03
CA MET A 636 -19.47 -26.35 -2.03
C MET A 636 -20.89 -26.39 -2.63
N THR A 637 -21.68 -25.35 -2.41
CA THR A 637 -23.09 -25.24 -2.84
C THR A 637 -23.32 -23.92 -3.55
N PRO A 638 -23.01 -23.82 -4.86
CA PRO A 638 -23.21 -22.58 -5.61
C PRO A 638 -24.65 -22.02 -5.50
N TYR A 639 -25.63 -22.90 -5.36
CA TYR A 639 -27.08 -22.56 -5.24
C TYR A 639 -27.33 -21.60 -4.08
N LEU A 640 -26.42 -21.55 -3.09
CA LEU A 640 -26.55 -20.66 -1.91
C LEU A 640 -25.93 -19.29 -2.19
N ASN A 641 -25.31 -19.11 -3.36
CA ASN A 641 -24.68 -17.83 -3.77
C ASN A 641 -25.75 -16.75 -3.93
N THR A 642 -25.59 -15.65 -3.18
CA THR A 642 -26.37 -14.39 -3.34
C THR A 642 -26.22 -13.88 -4.78
N SER A 643 -27.23 -14.08 -5.62
CA SER A 643 -27.29 -13.54 -7.01
C SER A 643 -27.42 -12.01 -6.96
N ASN A 644 -28.66 -11.51 -6.83
CA ASN A 644 -28.99 -10.11 -6.49
C ASN A 644 -29.97 -10.10 -5.32
N ARG A 645 -29.74 -9.28 -4.31
CA ARG A 645 -30.55 -9.23 -3.06
C ARG A 645 -30.51 -7.83 -2.46
N GLU A 646 -31.54 -7.48 -1.69
CA GLU A 646 -31.57 -6.27 -0.82
C GLU A 646 -31.27 -6.69 0.62
N VAL A 647 -30.62 -5.82 1.38
CA VAL A 647 -30.25 -6.06 2.80
C VAL A 647 -30.67 -4.83 3.63
N LYS A 648 -31.60 -5.03 4.57
CA LYS A 648 -32.02 -4.03 5.56
C LYS A 648 -30.94 -3.90 6.63
N VAL A 649 -30.33 -2.74 6.74
CA VAL A 649 -29.32 -2.42 7.79
C VAL A 649 -29.97 -1.46 8.76
N TYR A 650 -30.05 -1.85 10.03
CA TYR A 650 -30.47 -1.00 11.17
C TYR A 650 -29.37 0.03 11.42
N VAL A 651 -29.74 1.31 11.40
CA VAL A 651 -28.84 2.47 11.68
C VAL A 651 -28.82 2.70 13.18
N CYS A 652 -27.69 2.42 13.83
CA CYS A 652 -27.52 2.48 15.29
C CYS A 652 -27.25 3.92 15.73
N LYS A 653 -26.93 4.80 14.79
CA LYS A 653 -26.36 6.14 15.08
C LYS A 653 -26.65 7.10 13.92
N SER A 654 -27.05 8.33 14.24
CA SER A 654 -27.27 9.43 13.27
C SER A 654 -25.91 9.95 12.79
N GLY A 655 -25.73 10.06 11.47
CA GLY A 655 -24.50 10.60 10.87
C GLY A 655 -24.59 10.70 9.35
N ARG A 656 -23.56 11.28 8.75
CA ARG A 656 -23.38 11.37 7.27
C ARG A 656 -22.66 10.11 6.79
N LEU A 657 -23.41 9.14 6.27
CA LEU A 657 -22.86 7.90 5.67
C LEU A 657 -22.08 8.26 4.40
N THR A 658 -20.77 7.95 4.37
CA THR A 658 -19.85 8.26 3.23
C THR A 658 -19.33 6.96 2.59
N ALA A 659 -19.36 5.84 3.32
CA ALA A 659 -18.65 4.60 2.93
C ALA A 659 -19.25 3.36 3.60
N ILE A 660 -19.00 2.20 3.00
CA ILE A 660 -19.31 0.85 3.53
C ILE A 660 -18.05 0.00 3.45
N PRO A 661 -17.16 0.03 4.47
CA PRO A 661 -16.04 -0.90 4.54
C PRO A 661 -16.57 -2.33 4.54
N PHE A 662 -15.82 -3.26 3.96
CA PHE A 662 -16.19 -4.69 3.91
C PHE A 662 -14.95 -5.56 4.01
N TRP A 663 -15.14 -6.73 4.61
CA TRP A 663 -14.14 -7.80 4.82
C TRP A 663 -14.88 -9.16 4.74
N TYR A 664 -14.21 -10.27 5.04
CA TYR A 664 -14.79 -11.61 4.89
C TYR A 664 -14.53 -12.45 6.15
N HIS A 665 -15.51 -13.27 6.50
CA HIS A 665 -15.34 -14.51 7.29
C HIS A 665 -15.31 -15.69 6.34
N MET A 666 -14.17 -16.38 6.26
CA MET A 666 -13.97 -17.60 5.45
C MET A 666 -14.13 -18.83 6.35
N TYR A 667 -15.20 -19.60 6.15
CA TYR A 667 -15.52 -20.81 6.96
C TYR A 667 -14.83 -22.01 6.34
N LEU A 668 -13.88 -22.59 7.07
CA LEU A 668 -13.21 -23.86 6.73
C LEU A 668 -14.15 -25.02 7.07
N ASP A 669 -14.83 -24.90 8.21
CA ASP A 669 -16.06 -25.67 8.56
C ASP A 669 -16.98 -24.75 9.38
N GLU A 670 -18.07 -25.28 9.93
CA GLU A 670 -19.17 -24.48 10.56
C GLU A 670 -18.65 -23.76 11.82
N GLU A 671 -17.66 -24.33 12.51
CA GLU A 671 -17.10 -23.79 13.78
C GLU A 671 -15.91 -22.86 13.47
N ILE A 672 -15.11 -23.15 12.43
CA ILE A 672 -13.76 -22.55 12.21
C ILE A 672 -13.84 -21.57 11.04
N ARG A 673 -13.68 -20.28 11.32
CA ARG A 673 -13.75 -19.19 10.31
C ARG A 673 -12.51 -18.30 10.45
N LEU A 674 -11.97 -17.89 9.31
CA LEU A 674 -10.85 -16.92 9.21
C LEU A 674 -11.45 -15.53 8.94
N ASP A 675 -10.93 -14.51 9.61
CA ASP A 675 -11.39 -13.10 9.53
C ASP A 675 -10.31 -12.28 8.80
N THR A 676 -10.62 -11.78 7.59
CA THR A 676 -9.67 -11.01 6.74
C THR A 676 -9.44 -9.62 7.35
N SER A 677 -10.19 -9.26 8.41
CA SER A 677 -10.05 -7.98 9.16
C SER A 677 -9.29 -8.20 10.47
N SER A 678 -8.89 -9.43 10.77
CA SER A 678 -8.20 -9.78 12.03
C SER A 678 -6.96 -8.88 12.17
N GLU A 679 -6.53 -8.63 13.41
CA GLU A 679 -5.31 -7.86 13.75
C GLU A 679 -4.11 -8.37 12.93
N ALA A 680 -3.97 -9.69 12.78
CA ALA A 680 -2.79 -10.36 12.20
C ALA A 680 -3.04 -10.70 10.73
N SER A 681 -4.19 -10.31 10.19
CA SER A 681 -4.60 -10.60 8.78
C SER A 681 -3.49 -10.16 7.82
N HIS A 682 -3.14 -11.03 6.87
CA HIS A 682 -2.23 -10.75 5.73
C HIS A 682 -3.05 -10.25 4.53
N TRP A 683 -4.37 -10.12 4.70
CA TRP A 683 -5.28 -9.43 3.75
C TRP A 683 -5.46 -7.98 4.19
N LYS A 684 -5.53 -7.06 3.23
CA LYS A 684 -6.13 -5.73 3.44
C LYS A 684 -7.65 -5.83 3.29
N GLN A 685 -8.34 -4.77 3.63
CA GLN A 685 -9.79 -4.64 3.46
C GLN A 685 -10.05 -3.66 2.31
N ALA A 686 -11.32 -3.41 2.01
CA ALA A 686 -11.78 -2.40 1.04
C ALA A 686 -13.03 -1.72 1.58
N ALA A 687 -13.52 -0.73 0.87
CA ALA A 687 -14.68 0.09 1.26
C ALA A 687 -15.38 0.62 0.00
N VAL A 688 -16.69 0.50 -0.05
CA VAL A 688 -17.54 1.26 -1.01
C VAL A 688 -17.58 2.71 -0.52
N VAL A 689 -17.15 3.63 -1.36
CA VAL A 689 -17.22 5.09 -1.08
C VAL A 689 -18.33 5.67 -1.95
N LEU A 690 -19.35 6.26 -1.31
CA LEU A 690 -20.51 6.89 -1.99
C LEU A 690 -20.03 8.10 -2.78
N ASP A 691 -20.41 8.19 -4.06
CA ASP A 691 -20.28 9.42 -4.90
C ASP A 691 -20.87 10.60 -4.14
N ASN A 692 -22.06 10.42 -3.56
CA ASN A 692 -22.78 11.42 -2.75
C ASN A 692 -23.02 10.84 -1.35
N PRO A 693 -22.44 11.46 -0.29
CA PRO A 693 -22.80 11.09 1.08
C PRO A 693 -24.30 11.20 1.34
N ILE A 694 -24.85 10.25 2.10
CA ILE A 694 -26.30 10.16 2.48
C ILE A 694 -26.42 10.36 3.99
N GLN A 695 -27.37 11.17 4.44
CA GLN A 695 -27.66 11.41 5.88
C GLN A 695 -28.61 10.32 6.38
N VAL A 696 -28.29 9.69 7.53
CA VAL A 696 -29.04 8.56 8.13
C VAL A 696 -29.36 8.90 9.58
N GLU A 697 -30.45 8.34 10.10
CA GLU A 697 -30.97 8.64 11.46
C GLU A 697 -31.05 7.34 12.26
N MET A 698 -30.62 7.38 13.52
CA MET A 698 -30.83 6.29 14.51
C MET A 698 -32.27 5.80 14.45
N GLY A 699 -32.47 4.50 14.21
CA GLY A 699 -33.80 3.85 14.15
C GLY A 699 -34.21 3.55 12.72
N GLU A 700 -33.63 4.25 11.75
CA GLU A 700 -33.90 4.06 10.30
C GLU A 700 -33.47 2.64 9.89
N GLU A 701 -34.13 2.05 8.89
CA GLU A 701 -33.72 0.79 8.24
C GLU A 701 -33.27 1.10 6.81
N LEU A 702 -31.97 1.30 6.61
CA LEU A 702 -31.35 1.55 5.28
C LEU A 702 -31.39 0.26 4.46
N VAL A 703 -31.60 0.38 3.16
CA VAL A 703 -31.58 -0.76 2.21
C VAL A 703 -30.33 -0.65 1.33
N LEU A 704 -29.45 -1.63 1.44
CA LEU A 704 -28.36 -1.91 0.49
C LEU A 704 -28.87 -2.87 -0.58
N SER A 705 -28.81 -2.47 -1.85
CA SER A 705 -28.99 -3.38 -3.01
C SER A 705 -27.61 -3.92 -3.42
N ILE A 706 -27.45 -5.24 -3.32
CA ILE A 706 -26.16 -5.96 -3.53
C ILE A 706 -26.29 -6.84 -4.78
N GLN A 707 -25.72 -6.39 -5.90
CA GLN A 707 -25.56 -7.20 -7.13
C GLN A 707 -24.21 -7.96 -7.06
N HIS A 708 -24.26 -9.28 -7.23
CA HIS A 708 -23.05 -10.17 -7.32
C HIS A 708 -23.11 -10.97 -8.63
N HIS A 709 -21.99 -10.97 -9.38
CA HIS A 709 -21.80 -11.77 -10.63
C HIS A 709 -20.33 -12.19 -10.72
N LYS A 710 -20.06 -13.50 -10.54
CA LYS A 710 -18.69 -14.09 -10.49
C LYS A 710 -17.96 -13.58 -9.25
N SER A 711 -16.92 -12.75 -9.44
CA SER A 711 -16.00 -12.25 -8.38
C SER A 711 -16.19 -10.73 -8.22
N ASN A 712 -17.24 -10.18 -8.85
CA ASN A 712 -17.60 -8.73 -8.83
C ASN A 712 -18.85 -8.54 -7.97
N VAL A 713 -18.84 -7.55 -7.08
CA VAL A 713 -19.97 -7.20 -6.18
C VAL A 713 -20.24 -5.70 -6.30
N SER A 714 -21.45 -5.34 -6.76
CA SER A 714 -22.01 -3.98 -6.63
C SER A 714 -22.72 -3.86 -5.27
N ILE A 715 -22.40 -2.81 -4.54
CA ILE A 715 -23.13 -2.41 -3.30
C ILE A 715 -23.59 -0.96 -3.47
N THR A 716 -24.90 -0.71 -3.35
CA THR A 716 -25.52 0.62 -3.53
C THR A 716 -26.57 0.84 -2.43
N VAL A 717 -26.77 2.08 -2.01
CA VAL A 717 -27.90 2.54 -1.17
C VAL A 717 -29.15 2.64 -2.06
N LYS A 718 -30.31 2.23 -1.56
CA LYS A 718 -31.64 2.35 -2.25
C LYS A 718 -32.55 3.26 -1.41
N1 44T B . 3.12 13.02 -3.24
C7 44T B . 2.35 13.36 -2.04
C8 44T B . 2.25 12.65 -4.35
N2 44T B . 5.24 13.75 -13.05
C9 44T B . 3.03 12.12 -5.54
O1 44T B . 2.51 12.17 -13.37
C1 44T B . 4.69 15.05 -1.27
C5 44T B . 2.75 12.10 0.11
C6 44T B . 3.12 13.12 -0.76
N3 44T B . 5.36 15.18 -15.00
C4 44T B . 4.37 12.65 1.62
C3 44T B . 4.83 13.67 0.82
C2 44T B . 4.20 13.93 -0.39
N4 44T B . 7.57 15.39 -15.91
O2 44T B . 0.83 13.84 -12.05
C16 44T B . 1.98 13.45 -11.33
C15 44T B . 3.07 12.81 -12.22
C14 44T B . 3.87 14.02 -12.62
C20 44T B . 5.90 14.38 -14.07
C21 44T B . 6.25 15.62 -15.89
C22 44T B . 8.11 14.63 -14.95
N5 44T B . 9.45 14.57 -14.87
C19 44T B . 7.27 14.04 -13.99
C18 44T B . 7.39 13.13 -12.88
C17 44T B . 6.15 12.98 -12.36
O 44T B . 3.92 14.83 -11.49
C13 44T B . 2.70 14.69 -10.75
C12 44T B . 3.03 14.58 -9.27
S 44T B . 4.17 13.21 -8.94
C11 44T B . 3.12 11.99 -8.07
C10 44T B . 2.41 12.55 -6.85
C 44T B . 4.76 16.42 -0.57
N 44T B . 3.34 11.86 1.29
C1 EDO C . -3.38 25.26 -23.92
O1 EDO C . -3.90 25.54 -22.63
C2 EDO C . -2.34 24.19 -23.92
O2 EDO C . -2.66 23.10 -24.76
UNK UNX D . 0.13 5.38 -2.57
UNK UNX E . -1.90 7.78 -18.16
UNK UNX F . 11.56 18.10 12.19
UNK UNX G . 4.42 -1.26 18.60
UNK UNX H . -14.45 11.27 10.17
#